data_8GCH
#
_entry.id   8GCH
#
_cell.length_a   69.000
_cell.length_b   69.000
_cell.length_c   95.300
_cell.angle_alpha   90.00
_cell.angle_beta   90.00
_cell.angle_gamma   90.00
#
_symmetry.space_group_name_H-M   'P 42 21 2'
#
loop_
_entity.id
_entity.type
_entity.pdbx_description
1 polymer 'GAMMA-CHYMOTRYPSIN A'
2 polymer 'GAMMA-CHYMOTRYPSIN A'
3 polymer 'GAMMA-CHYMOTRYPSIN A'
4 polymer 'GLY ALA TRP PEPTIDE'
5 non-polymer 'SULFATE ION'
6 water water
#
loop_
_entity_poly.entity_id
_entity_poly.type
_entity_poly.pdbx_seq_one_letter_code
_entity_poly.pdbx_strand_id
1 'polypeptide(L)' CGVPAIQPVLSGL E
2 'polypeptide(L)'
;IVNGEEAVPGSWPWQVSLQDKTGFHFCGGSLINENWVVTAAHCGVTTSDVVVAGEFDQGSSSEKIQKLKIAKVFKNSKYN
SLTINNDITLLKLSTAASFSQTVSAVCLPSASDDFAAGTTCVTTGWGLTRY
;
F
3 'polypeptide(L)'
;ANTPDRLQQASLPLLSNTNCKKYWGTKIKDAMICAGASGVSSCMGDSGGPLVCKKNGAWTLVGIVSWGSSTCSTSTPGVY
ARVTALVNWVQQTLAAN
;
G
4 'polypeptide(L)' GAW C
#
loop_
_chem_comp.id
_chem_comp.type
_chem_comp.name
_chem_comp.formula
SO4 non-polymer 'SULFATE ION' 'O4 S -2'
#
# COMPACT_ATOMS: atom_id res chain seq x y z
N CYS A 1 15.61 0.89 6.83
CA CYS A 1 14.35 0.92 6.06
C CYS A 1 14.49 1.78 4.82
N GLY A 2 13.54 1.62 3.91
CA GLY A 2 13.41 2.33 2.68
C GLY A 2 14.41 2.31 1.59
N VAL A 3 15.42 1.45 1.69
CA VAL A 3 16.44 1.40 0.60
C VAL A 3 16.51 0.00 -0.02
N PRO A 4 15.82 -0.16 -1.13
CA PRO A 4 15.81 -1.46 -1.82
C PRO A 4 17.22 -1.90 -2.17
N ALA A 5 17.47 -3.19 -2.01
CA ALA A 5 18.78 -3.79 -2.37
C ALA A 5 18.89 -3.71 -3.91
N ILE A 6 17.78 -3.94 -4.56
CA ILE A 6 17.55 -3.90 -6.00
C ILE A 6 16.79 -2.58 -6.25
N GLN A 7 17.52 -1.61 -6.80
CA GLN A 7 16.98 -0.29 -7.04
C GLN A 7 15.90 -0.30 -8.11
N PRO A 8 14.76 0.29 -7.71
CA PRO A 8 13.63 0.38 -8.66
C PRO A 8 14.03 1.44 -9.71
N VAL A 9 13.53 1.19 -10.89
CA VAL A 9 13.73 2.04 -12.07
C VAL A 9 12.34 2.44 -12.58
N LEU A 10 12.12 3.72 -12.45
CA LEU A 10 10.86 4.40 -12.81
C LEU A 10 10.80 4.72 -14.29
N SER A 11 9.67 4.84 -14.81
N ILE B 1 -3.01 -1.28 -10.88
CA ILE B 1 -2.69 0.06 -11.35
C ILE B 1 -2.91 0.17 -12.87
N VAL B 2 -3.69 1.16 -13.25
CA VAL B 2 -3.96 1.40 -14.68
C VAL B 2 -2.90 2.36 -15.21
N ASN B 3 -2.34 2.02 -16.35
CA ASN B 3 -1.34 2.85 -17.04
C ASN B 3 0.01 2.87 -16.36
N GLY B 4 0.26 1.83 -15.62
CA GLY B 4 1.51 1.60 -14.89
C GLY B 4 2.49 0.93 -15.85
N GLU B 5 3.48 0.34 -15.24
CA GLU B 5 4.56 -0.36 -15.95
C GLU B 5 5.06 -1.41 -14.98
N GLU B 6 5.59 -2.44 -15.57
CA GLU B 6 6.13 -3.57 -14.82
C GLU B 6 7.36 -3.10 -14.04
N ALA B 7 7.39 -3.53 -12.78
CA ALA B 7 8.51 -3.14 -11.91
C ALA B 7 9.72 -4.07 -12.11
N VAL B 8 10.88 -3.59 -11.72
CA VAL B 8 12.11 -4.42 -11.76
C VAL B 8 11.81 -5.47 -10.67
N PRO B 9 12.02 -6.71 -11.00
CA PRO B 9 11.73 -7.77 -10.00
C PRO B 9 12.49 -7.48 -8.72
N GLY B 10 11.73 -7.57 -7.63
CA GLY B 10 12.21 -7.37 -6.29
C GLY B 10 12.63 -5.98 -5.89
N SER B 11 12.33 -4.96 -6.67
CA SER B 11 12.73 -3.58 -6.37
C SER B 11 11.83 -2.86 -5.36
N TRP B 12 10.72 -3.44 -4.98
CA TRP B 12 9.77 -2.89 -4.00
C TRP B 12 9.63 -4.02 -2.96
N PRO B 13 10.74 -4.23 -2.26
CA PRO B 13 10.88 -5.29 -1.26
C PRO B 13 9.89 -5.33 -0.13
N TRP B 14 9.23 -4.24 0.18
CA TRP B 14 8.24 -4.20 1.30
C TRP B 14 6.86 -4.64 0.79
N GLN B 15 6.69 -4.56 -0.51
CA GLN B 15 5.42 -4.93 -1.14
C GLN B 15 5.11 -6.41 -0.90
N VAL B 16 3.97 -6.59 -0.22
CA VAL B 16 3.49 -7.97 0.06
C VAL B 16 2.10 -8.06 -0.59
N SER B 17 1.71 -9.31 -0.73
CA SER B 17 0.35 -9.60 -1.32
C SER B 17 -0.42 -10.34 -0.23
N LEU B 18 -1.70 -10.00 -0.10
CA LEU B 18 -2.60 -10.66 0.86
C LEU B 18 -3.44 -11.66 0.01
N GLN B 19 -3.31 -12.92 0.36
CA GLN B 19 -3.97 -14.04 -0.31
C GLN B 19 -4.91 -14.77 0.63
N ASP B 20 -6.00 -15.25 0.02
CA ASP B 20 -7.02 -16.02 0.80
C ASP B 20 -6.63 -17.49 0.74
N LYS B 21 -7.47 -18.32 1.35
CA LYS B 21 -7.19 -19.77 1.37
C LYS B 21 -7.06 -20.35 -0.02
N THR B 22 -7.80 -19.80 -0.96
CA THR B 22 -7.80 -20.28 -2.34
C THR B 22 -6.61 -19.81 -3.17
N GLY B 23 -5.73 -19.08 -2.55
CA GLY B 23 -4.51 -18.53 -3.17
C GLY B 23 -4.78 -17.27 -3.97
N PHE B 24 -5.96 -16.70 -3.79
CA PHE B 24 -6.39 -15.48 -4.48
C PHE B 24 -5.79 -14.22 -3.85
N HIS B 25 -5.15 -13.40 -4.63
CA HIS B 25 -4.56 -12.12 -4.19
C HIS B 25 -5.75 -11.13 -4.13
N PHE B 26 -5.99 -10.58 -2.97
CA PHE B 26 -7.10 -9.63 -2.81
C PHE B 26 -6.69 -8.25 -2.33
N CYS B 27 -5.46 -8.09 -1.87
CA CYS B 27 -5.00 -6.76 -1.39
C CYS B 27 -3.48 -6.75 -1.34
N GLY B 28 -2.94 -5.54 -1.24
CA GLY B 28 -1.46 -5.35 -1.13
C GLY B 28 -1.16 -5.03 0.33
N GLY B 29 0.12 -4.97 0.67
CA GLY B 29 0.56 -4.67 2.06
C GLY B 29 2.03 -4.19 1.90
N SER B 30 2.55 -3.70 2.97
CA SER B 30 3.92 -3.19 3.07
C SER B 30 4.51 -3.62 4.39
N LEU B 31 5.67 -4.29 4.27
CA LEU B 31 6.42 -4.72 5.46
C LEU B 31 7.05 -3.45 6.09
N ILE B 32 6.96 -3.31 7.40
CA ILE B 32 7.50 -2.15 8.11
C ILE B 32 8.64 -2.66 9.01
N ASN B 33 8.67 -3.95 9.18
CA ASN B 33 9.69 -4.67 9.97
C ASN B 33 9.46 -6.16 9.69
N GLU B 34 10.27 -7.00 10.28
CA GLU B 34 10.16 -8.46 10.01
C GLU B 34 8.93 -9.12 10.55
N ASN B 35 8.23 -8.45 11.46
CA ASN B 35 7.03 -9.02 12.07
C ASN B 35 5.74 -8.32 11.83
N TRP B 36 5.72 -7.24 11.13
CA TRP B 36 4.52 -6.47 10.91
C TRP B 36 4.35 -5.94 9.49
N VAL B 37 3.13 -6.03 9.06
CA VAL B 37 2.68 -5.58 7.74
C VAL B 37 1.59 -4.52 7.93
N VAL B 38 1.68 -3.47 7.17
CA VAL B 38 0.70 -2.36 7.16
C VAL B 38 -0.17 -2.60 5.92
N THR B 39 -1.48 -2.47 6.10
CA THR B 39 -2.42 -2.66 4.98
C THR B 39 -3.64 -1.77 5.25
N ALA B 40 -4.63 -1.95 4.40
CA ALA B 40 -5.87 -1.17 4.54
C ALA B 40 -6.87 -1.99 5.37
N ALA B 41 -7.52 -1.21 6.24
CA ALA B 41 -8.57 -1.83 7.10
C ALA B 41 -9.68 -2.45 6.28
N HIS B 42 -10.15 -1.84 5.23
CA HIS B 42 -11.24 -2.32 4.38
C HIS B 42 -10.87 -3.61 3.65
N CYS B 43 -9.61 -4.04 3.80
CA CYS B 43 -9.14 -5.27 3.14
C CYS B 43 -9.81 -6.47 3.83
N GLY B 44 -10.22 -6.19 5.06
CA GLY B 44 -10.92 -7.17 5.87
C GLY B 44 -10.10 -8.42 6.12
N VAL B 45 -8.81 -8.25 6.34
CA VAL B 45 -7.94 -9.40 6.59
C VAL B 45 -8.33 -10.14 7.86
N THR B 46 -8.18 -11.47 7.78
CA THR B 46 -8.47 -12.37 8.89
C THR B 46 -7.24 -13.27 9.05
N THR B 47 -7.14 -13.90 10.20
CA THR B 47 -6.02 -14.80 10.47
C THR B 47 -6.06 -16.01 9.57
N SER B 48 -7.02 -16.10 8.66
CA SER B 48 -7.16 -17.23 7.72
C SER B 48 -6.50 -16.91 6.40
N ASP B 49 -6.13 -15.63 6.31
CA ASP B 49 -5.43 -15.10 5.09
C ASP B 49 -3.94 -15.27 5.37
N VAL B 50 -3.17 -15.13 4.29
CA VAL B 50 -1.71 -15.25 4.39
C VAL B 50 -0.99 -14.06 3.73
N VAL B 51 0.11 -13.66 4.33
CA VAL B 51 0.94 -12.58 3.75
C VAL B 51 1.97 -13.28 2.83
N VAL B 52 2.08 -12.82 1.60
CA VAL B 52 3.03 -13.35 0.65
C VAL B 52 4.06 -12.25 0.32
N ALA B 53 5.28 -12.53 0.69
CA ALA B 53 6.42 -11.61 0.48
C ALA B 53 7.39 -12.10 -0.58
N GLY B 54 8.10 -11.24 -1.24
CA GLY B 54 9.09 -11.59 -2.24
C GLY B 54 8.66 -12.03 -3.59
N GLU B 55 7.41 -11.82 -3.95
CA GLU B 55 6.82 -12.14 -5.22
C GLU B 55 7.05 -11.01 -6.22
N PHE B 56 7.11 -11.38 -7.47
CA PHE B 56 7.25 -10.46 -8.60
C PHE B 56 6.09 -10.85 -9.53
N ASP B 57 6.21 -12.08 -10.01
CA ASP B 57 5.24 -12.73 -10.89
C ASP B 57 4.40 -13.75 -10.12
N GLN B 58 3.19 -13.31 -9.79
CA GLN B 58 2.24 -14.16 -9.04
C GLN B 58 1.88 -15.40 -9.82
N GLY B 59 2.31 -15.49 -11.06
CA GLY B 59 2.03 -16.64 -11.92
C GLY B 59 3.18 -17.63 -11.96
N SER B 60 4.35 -17.18 -11.54
CA SER B 60 5.57 -17.98 -11.51
C SER B 60 5.59 -18.90 -10.31
N SER B 61 6.17 -20.07 -10.52
CA SER B 61 6.30 -21.09 -9.46
C SER B 61 7.77 -21.23 -9.07
N SER B 62 8.59 -20.43 -9.74
CA SER B 62 10.03 -20.49 -9.54
C SER B 62 10.61 -19.34 -8.72
N GLU B 63 9.73 -18.56 -8.10
CA GLU B 63 10.28 -17.44 -7.27
C GLU B 63 10.45 -17.92 -5.85
N LYS B 64 11.42 -17.34 -5.15
CA LYS B 64 11.65 -17.73 -3.73
C LYS B 64 10.80 -16.78 -2.88
N ILE B 65 9.57 -17.19 -2.69
CA ILE B 65 8.57 -16.41 -1.94
C ILE B 65 8.43 -16.93 -0.52
N GLN B 66 7.78 -16.12 0.31
CA GLN B 66 7.54 -16.46 1.73
C GLN B 66 6.05 -16.31 2.06
N LYS B 67 5.40 -17.42 2.28
CA LYS B 67 3.94 -17.40 2.63
C LYS B 67 3.89 -17.41 4.15
N LEU B 68 3.60 -16.25 4.69
CA LEU B 68 3.57 -15.98 6.11
C LEU B 68 2.20 -15.94 6.77
N LYS B 69 2.10 -16.72 7.82
CA LYS B 69 0.86 -16.81 8.61
C LYS B 69 0.69 -15.49 9.39
N ILE B 70 -0.56 -15.18 9.61
CA ILE B 70 -0.92 -13.96 10.35
C ILE B 70 -1.38 -14.38 11.76
N ALA B 71 -0.70 -13.87 12.75
CA ALA B 71 -0.95 -14.10 14.16
C ALA B 71 -2.11 -13.27 14.69
N LYS B 72 -2.24 -12.03 14.19
CA LYS B 72 -3.31 -11.15 14.68
C LYS B 72 -3.52 -9.94 13.80
N VAL B 73 -4.77 -9.55 13.66
CA VAL B 73 -5.22 -8.40 12.89
C VAL B 73 -5.52 -7.27 13.89
N PHE B 74 -4.89 -6.14 13.63
CA PHE B 74 -5.02 -4.92 14.41
C PHE B 74 -5.59 -3.81 13.52
N LYS B 75 -6.89 -3.72 13.61
CA LYS B 75 -7.65 -2.71 12.85
C LYS B 75 -7.64 -1.45 13.72
N ASN B 76 -7.32 -0.32 13.12
CA ASN B 76 -7.28 0.96 13.89
C ASN B 76 -8.67 1.26 14.43
N SER B 77 -8.76 1.47 15.74
CA SER B 77 -10.07 1.77 16.36
C SER B 77 -10.76 2.96 15.71
N LYS B 78 -10.01 3.86 15.11
CA LYS B 78 -10.55 5.05 14.45
C LYS B 78 -11.15 4.78 13.09
N TYR B 79 -10.93 3.58 12.59
CA TYR B 79 -11.42 3.16 11.28
C TYR B 79 -12.94 3.31 11.20
N ASN B 80 -13.36 4.00 10.14
CA ASN B 80 -14.81 4.20 9.95
C ASN B 80 -15.17 3.63 8.56
N SER B 81 -15.83 2.50 8.65
CA SER B 81 -16.30 1.70 7.55
C SER B 81 -17.21 2.46 6.61
N LEU B 82 -18.02 3.33 7.18
CA LEU B 82 -19.00 4.10 6.40
C LEU B 82 -18.35 5.10 5.47
N THR B 83 -17.35 5.77 6.01
CA THR B 83 -16.63 6.81 5.26
C THR B 83 -15.26 6.34 4.80
N ILE B 84 -14.90 5.12 5.12
CA ILE B 84 -13.59 4.55 4.75
C ILE B 84 -12.43 5.37 5.31
N ASN B 85 -12.59 6.08 6.38
CA ASN B 85 -11.60 6.93 7.03
C ASN B 85 -10.74 6.13 8.01
N ASN B 86 -9.48 6.56 8.11
CA ASN B 86 -8.48 5.95 8.97
C ASN B 86 -8.39 4.47 8.53
N ASP B 87 -8.33 4.33 7.24
CA ASP B 87 -8.28 3.00 6.58
C ASP B 87 -6.97 2.29 6.74
N ILE B 88 -6.66 1.84 7.94
CA ILE B 88 -5.38 1.14 8.18
C ILE B 88 -5.55 0.00 9.15
N THR B 89 -4.84 -1.09 8.84
CA THR B 89 -4.83 -2.29 9.66
C THR B 89 -3.38 -2.77 9.78
N LEU B 90 -3.02 -3.27 10.93
CA LEU B 90 -1.65 -3.81 11.14
C LEU B 90 -1.78 -5.33 11.24
N LEU B 91 -0.85 -6.05 10.63
CA LEU B 91 -0.95 -7.54 10.71
C LEU B 91 0.35 -7.97 11.41
N LYS B 92 0.14 -8.70 12.49
CA LYS B 92 1.29 -9.22 13.24
C LYS B 92 1.45 -10.65 12.68
N LEU B 93 2.62 -10.94 12.16
CA LEU B 93 2.93 -12.27 11.58
C LEU B 93 3.24 -13.23 12.71
N SER B 94 2.93 -14.50 12.46
CA SER B 94 3.18 -15.56 13.46
C SER B 94 4.69 -15.77 13.56
N THR B 95 5.26 -15.91 12.39
CA THR B 95 6.69 -16.09 12.22
C THR B 95 7.24 -14.94 11.36
N ALA B 96 8.35 -14.43 11.84
CA ALA B 96 9.03 -13.30 11.20
C ALA B 96 9.46 -13.64 9.77
N ALA B 97 9.38 -12.61 8.96
CA ALA B 97 9.78 -12.65 7.55
C ALA B 97 11.32 -12.72 7.59
N SER B 98 11.85 -13.35 6.56
CA SER B 98 13.32 -13.48 6.45
C SER B 98 13.69 -12.36 5.48
N PHE B 99 14.35 -11.32 5.98
CA PHE B 99 14.71 -10.23 5.02
C PHE B 99 15.85 -10.73 4.12
N SER B 100 15.81 -10.24 2.92
CA SER B 100 16.73 -10.56 1.83
C SER B 100 16.77 -9.38 0.86
N GLN B 101 17.39 -9.64 -0.28
CA GLN B 101 17.50 -8.59 -1.30
C GLN B 101 16.10 -8.20 -1.77
N THR B 102 15.21 -9.19 -1.82
CA THR B 102 13.84 -8.96 -2.28
C THR B 102 12.79 -8.78 -1.21
N VAL B 103 13.15 -8.88 0.05
CA VAL B 103 12.21 -8.71 1.17
C VAL B 103 12.86 -7.83 2.24
N SER B 104 12.32 -6.65 2.41
CA SER B 104 12.82 -5.64 3.37
C SER B 104 11.70 -4.66 3.69
N ALA B 105 11.92 -3.73 4.62
CA ALA B 105 10.85 -2.80 5.02
C ALA B 105 10.88 -1.41 4.46
N VAL B 106 9.69 -0.79 4.46
CA VAL B 106 9.58 0.61 4.00
C VAL B 106 9.73 1.47 5.26
N CYS B 107 10.11 2.73 5.09
CA CYS B 107 10.20 3.61 6.27
C CYS B 107 8.81 4.20 6.53
N LEU B 108 8.63 4.62 7.77
CA LEU B 108 7.38 5.30 8.18
C LEU B 108 7.80 6.77 8.48
N PRO B 109 6.88 7.66 8.25
CA PRO B 109 7.13 9.10 8.51
C PRO B 109 6.82 9.43 9.96
N SER B 110 7.19 10.67 10.31
CA SER B 110 6.92 11.24 11.64
C SER B 110 5.51 11.87 11.49
N ALA B 111 4.75 11.89 12.57
CA ALA B 111 3.41 12.49 12.50
C ALA B 111 3.45 13.92 11.97
N SER B 112 4.48 14.68 12.25
CA SER B 112 4.66 16.06 11.80
C SER B 112 5.28 16.20 10.42
N ASP B 113 5.52 15.12 9.72
CA ASP B 113 6.14 15.15 8.39
C ASP B 113 5.26 15.79 7.33
N ASP B 114 5.86 16.63 6.51
CA ASP B 114 5.11 17.29 5.43
C ASP B 114 5.44 16.63 4.08
N PHE B 115 4.39 16.33 3.39
CA PHE B 115 4.39 15.70 2.05
C PHE B 115 3.57 16.65 1.20
N ALA B 116 4.28 17.57 0.58
CA ALA B 116 3.73 18.65 -0.24
C ALA B 116 3.09 18.24 -1.55
N ALA B 117 1.95 18.85 -1.79
CA ALA B 117 1.17 18.65 -3.03
C ALA B 117 2.14 18.96 -4.17
N GLY B 118 2.15 18.14 -5.19
CA GLY B 118 3.05 18.35 -6.34
C GLY B 118 4.22 17.36 -6.26
N THR B 119 4.48 16.85 -5.05
CA THR B 119 5.57 15.90 -4.88
C THR B 119 5.26 14.64 -5.69
N THR B 120 6.21 14.11 -6.43
CA THR B 120 6.02 12.87 -7.19
C THR B 120 6.44 11.69 -6.32
N CYS B 121 5.49 10.78 -6.11
CA CYS B 121 5.65 9.56 -5.32
C CYS B 121 5.39 8.34 -6.20
N VAL B 122 5.41 7.14 -5.66
CA VAL B 122 5.15 5.94 -6.49
C VAL B 122 4.20 5.01 -5.74
N THR B 123 3.35 4.35 -6.51
CA THR B 123 2.43 3.36 -5.91
C THR B 123 2.71 2.04 -6.66
N THR B 124 2.58 0.93 -6.00
CA THR B 124 2.85 -0.40 -6.65
C THR B 124 1.75 -1.38 -6.32
N GLY B 125 1.60 -2.47 -7.08
CA GLY B 125 0.60 -3.48 -6.76
C GLY B 125 0.18 -4.40 -7.91
N TRP B 126 -0.64 -5.39 -7.57
CA TRP B 126 -1.14 -6.36 -8.56
C TRP B 126 -2.61 -6.10 -8.89
N GLY B 127 -3.05 -4.89 -8.66
CA GLY B 127 -4.45 -4.50 -8.95
C GLY B 127 -4.65 -4.44 -10.48
N LEU B 128 -5.92 -4.38 -10.89
CA LEU B 128 -6.30 -4.33 -12.27
C LEU B 128 -5.48 -3.27 -13.03
N THR B 129 -5.21 -3.63 -14.27
CA THR B 129 -4.46 -2.76 -15.20
C THR B 129 -5.50 -2.17 -16.18
N ARG B 130 -6.67 -2.78 -16.12
CA ARG B 130 -7.83 -2.45 -16.93
C ARG B 130 -9.08 -2.82 -16.12
N TYR B 131 -9.91 -1.79 -15.95
CA TYR B 131 -11.16 -1.93 -15.21
C TYR B 131 -12.08 -2.90 -15.97
N ASN C 2 -7.32 -8.57 -17.05
CA ASN C 2 -7.54 -7.27 -16.39
C ASN C 2 -6.58 -7.25 -15.16
N THR C 3 -6.28 -8.42 -14.63
CA THR C 3 -5.40 -8.57 -13.48
C THR C 3 -4.00 -9.05 -13.89
N PRO C 4 -3.00 -8.30 -13.48
CA PRO C 4 -1.60 -8.64 -13.83
C PRO C 4 -0.94 -9.65 -12.92
N ASP C 5 -0.10 -10.47 -13.56
CA ASP C 5 0.69 -11.50 -12.88
C ASP C 5 1.91 -10.82 -12.22
N ARG C 6 2.48 -9.92 -13.02
CA ARG C 6 3.70 -9.20 -12.61
C ARG C 6 3.43 -7.86 -11.94
N LEU C 7 4.27 -7.64 -10.90
CA LEU C 7 4.10 -6.39 -10.12
C LEU C 7 4.21 -5.16 -10.97
N GLN C 8 3.26 -4.27 -10.79
CA GLN C 8 3.18 -3.01 -11.53
C GLN C 8 3.57 -1.87 -10.54
N GLN C 9 3.98 -0.82 -11.20
CA GLN C 9 4.38 0.42 -10.49
C GLN C 9 3.96 1.61 -11.34
N ALA C 10 3.91 2.79 -10.72
CA ALA C 10 3.57 4.05 -11.34
C ALA C 10 3.87 5.25 -10.42
N SER C 11 4.49 6.24 -11.01
CA SER C 11 4.82 7.51 -10.35
C SER C 11 3.55 8.40 -10.52
N LEU C 12 3.25 9.13 -9.50
CA LEU C 12 2.08 10.02 -9.44
C LEU C 12 2.32 11.09 -8.38
N PRO C 13 1.70 12.24 -8.55
CA PRO C 13 1.84 13.37 -7.65
C PRO C 13 0.82 13.38 -6.54
N LEU C 14 1.23 13.97 -5.44
CA LEU C 14 0.33 14.14 -4.27
C LEU C 14 -0.53 15.39 -4.55
N LEU C 15 -1.78 15.34 -4.09
CA LEU C 15 -2.67 16.50 -4.26
C LEU C 15 -2.87 17.06 -2.83
N SER C 16 -3.45 18.26 -2.80
CA SER C 16 -3.75 18.89 -1.49
C SER C 16 -5.21 18.43 -1.21
N ASN C 17 -5.52 18.33 0.07
CA ASN C 17 -6.91 17.87 0.40
C ASN C 17 -7.90 18.85 -0.20
N THR C 18 -7.55 20.14 -0.10
CA THR C 18 -8.47 21.18 -0.63
C THR C 18 -8.78 20.97 -2.09
N ASN C 19 -7.78 20.68 -2.89
CA ASN C 19 -7.90 20.47 -4.34
C ASN C 19 -8.67 19.17 -4.62
N CYS C 20 -8.36 18.22 -3.76
CA CYS C 20 -8.98 16.88 -3.85
C CYS C 20 -10.48 16.96 -3.61
N LYS C 21 -10.85 17.83 -2.67
CA LYS C 21 -12.28 18.02 -2.33
C LYS C 21 -13.08 18.48 -3.53
N LYS C 22 -12.39 19.02 -4.50
CA LYS C 22 -13.03 19.49 -5.75
C LYS C 22 -13.59 18.31 -6.52
N TYR C 23 -12.94 17.17 -6.38
CA TYR C 23 -13.34 15.96 -7.09
C TYR C 23 -14.24 15.06 -6.21
N TRP C 24 -13.82 14.95 -4.96
CA TRP C 24 -14.51 14.09 -4.01
C TRP C 24 -15.35 14.78 -2.98
N GLY C 25 -15.21 16.06 -2.83
CA GLY C 25 -15.98 16.83 -1.84
C GLY C 25 -15.75 16.30 -0.42
N THR C 26 -16.84 16.26 0.32
CA THR C 26 -16.98 15.86 1.68
C THR C 26 -16.50 14.47 2.04
N LYS C 27 -16.24 13.66 1.05
CA LYS C 27 -15.75 12.28 1.27
C LYS C 27 -14.32 12.36 1.79
N ILE C 28 -13.64 13.45 1.39
CA ILE C 28 -12.24 13.64 1.81
C ILE C 28 -12.12 14.11 3.25
N LYS C 29 -11.44 13.32 4.06
CA LYS C 29 -11.20 13.59 5.49
C LYS C 29 -9.70 13.82 5.71
N ASP C 30 -9.35 14.44 6.82
CA ASP C 30 -8.00 14.79 7.22
C ASP C 30 -7.04 13.60 7.11
N ALA C 31 -7.54 12.45 7.50
CA ALA C 31 -6.79 11.20 7.53
C ALA C 31 -6.65 10.58 6.15
N MET C 32 -7.02 11.34 5.13
CA MET C 32 -6.91 10.89 3.74
C MET C 32 -5.94 11.82 3.01
N ILE C 33 -5.29 11.28 1.99
CA ILE C 33 -4.38 11.99 1.10
C ILE C 33 -4.61 11.44 -0.33
N CYS C 34 -4.77 12.35 -1.23
CA CYS C 34 -5.03 12.05 -2.65
C CYS C 34 -3.73 12.11 -3.46
N ALA C 35 -3.72 11.30 -4.50
CA ALA C 35 -2.55 11.23 -5.41
C ALA C 35 -3.11 10.75 -6.75
N GLY C 36 -2.44 11.08 -7.84
CA GLY C 36 -2.93 10.62 -9.15
C GLY C 36 -3.58 11.73 -9.95
N ALA C 37 -4.66 11.37 -10.67
CA ALA C 37 -5.36 12.34 -11.54
C ALA C 37 -4.31 12.83 -12.54
N SER C 38 -3.35 11.95 -12.77
CA SER C 38 -2.19 12.20 -13.61
C SER C 38 -2.00 11.32 -14.83
N GLY C 39 -2.97 10.47 -15.11
CA GLY C 39 -2.82 9.56 -16.29
C GLY C 39 -2.56 8.13 -15.84
N VAL C 40 -2.58 7.89 -14.55
CA VAL C 40 -2.40 6.56 -13.93
C VAL C 40 -3.49 6.50 -12.80
N SER C 41 -3.75 5.29 -12.36
CA SER C 41 -4.74 5.09 -11.28
C SER C 41 -4.50 3.77 -10.59
N SER C 42 -4.64 3.84 -9.25
CA SER C 42 -4.54 2.59 -8.44
C SER C 42 -5.89 1.92 -8.81
N CYS C 43 -6.12 0.67 -8.56
CA CYS C 43 -7.43 0.06 -8.95
C CYS C 43 -7.73 -1.10 -8.00
N MET C 44 -8.86 -1.77 -8.24
CA MET C 44 -9.23 -2.93 -7.42
C MET C 44 -8.06 -3.93 -7.39
N GLY C 45 -7.72 -4.32 -6.18
CA GLY C 45 -6.63 -5.27 -5.91
C GLY C 45 -5.35 -4.56 -5.46
N ASP C 46 -5.29 -3.26 -5.65
CA ASP C 46 -4.17 -2.41 -5.26
C ASP C 46 -4.31 -2.02 -3.78
N SER C 47 -5.54 -2.04 -3.30
CA SER C 47 -5.86 -1.67 -1.92
C SER C 47 -4.95 -2.26 -0.86
N GLY C 48 -4.50 -1.44 0.07
CA GLY C 48 -3.65 -1.85 1.18
C GLY C 48 -2.14 -1.73 0.87
N GLY C 49 -1.85 -1.61 -0.41
CA GLY C 49 -0.47 -1.46 -0.91
C GLY C 49 0.03 -0.04 -0.61
N PRO C 50 1.31 0.16 -0.98
CA PRO C 50 1.96 1.43 -0.72
C PRO C 50 1.91 2.52 -1.73
N LEU C 51 2.00 3.72 -1.14
CA LEU C 51 2.13 5.01 -1.77
C LEU C 51 3.43 5.50 -1.09
N VAL C 52 4.56 5.43 -1.80
CA VAL C 52 5.84 5.84 -1.18
C VAL C 52 6.45 7.04 -1.90
N CYS C 53 7.14 7.84 -1.09
CA CYS C 53 7.84 9.04 -1.55
C CYS C 53 9.30 8.91 -1.15
N LYS C 54 10.16 9.23 -2.11
CA LYS C 54 11.62 9.12 -1.85
C LYS C 54 12.19 10.47 -1.41
N LYS C 55 12.97 10.46 -0.36
CA LYS C 55 13.63 11.65 0.20
C LYS C 55 14.87 11.21 1.00
N ASN C 56 15.90 12.02 0.92
CA ASN C 56 17.17 11.73 1.62
C ASN C 56 17.53 10.25 1.42
N GLY C 57 17.43 9.77 0.20
CA GLY C 57 17.68 8.48 -0.29
C GLY C 57 16.81 7.27 -0.06
N ALA C 58 15.82 7.35 0.80
CA ALA C 58 14.93 6.25 1.15
C ALA C 58 13.47 6.55 0.81
N TRP C 59 12.73 5.45 0.73
CA TRP C 59 11.27 5.48 0.43
C TRP C 59 10.48 5.42 1.75
N THR C 60 9.54 6.34 1.88
CA THR C 60 8.68 6.45 3.06
C THR C 60 7.21 6.21 2.67
N LEU C 61 6.57 5.40 3.52
CA LEU C 61 5.14 5.11 3.27
C LEU C 61 4.36 6.35 3.66
N VAL C 62 3.83 7.04 2.65
CA VAL C 62 3.07 8.29 2.86
C VAL C 62 1.59 7.98 2.78
N GLY C 63 1.25 6.94 2.03
CA GLY C 63 -0.13 6.52 1.82
C GLY C 63 -0.30 5.01 1.70
N ILE C 64 -1.53 4.62 1.89
CA ILE C 64 -2.00 3.23 1.80
C ILE C 64 -3.16 3.20 0.80
N VAL C 65 -3.00 2.46 -0.29
CA VAL C 65 -4.07 2.40 -1.31
C VAL C 65 -5.42 2.19 -0.59
N SER C 66 -6.35 3.12 -0.79
CA SER C 66 -7.66 3.03 -0.12
C SER C 66 -8.84 2.96 -1.05
N TRP C 67 -9.21 4.04 -1.70
CA TRP C 67 -10.36 4.03 -2.64
C TRP C 67 -10.17 5.09 -3.69
N GLY C 68 -11.16 5.14 -4.60
CA GLY C 68 -11.07 6.16 -5.68
C GLY C 68 -12.27 5.97 -6.60
N SER C 69 -12.03 6.30 -7.83
CA SER C 69 -13.01 6.20 -8.93
C SER C 69 -13.40 4.74 -9.06
N SER C 70 -14.71 4.49 -9.18
CA SER C 70 -15.18 3.09 -9.28
C SER C 70 -14.76 2.45 -10.59
N THR C 71 -14.27 3.29 -11.44
CA THR C 71 -13.80 2.97 -12.79
C THR C 71 -12.30 3.08 -12.96
N CYS C 72 -11.62 3.51 -11.91
CA CYS C 72 -10.15 3.65 -11.96
C CYS C 72 -9.79 4.63 -13.08
N SER C 73 -10.57 5.71 -13.08
CA SER C 73 -10.36 6.76 -14.09
C SER C 73 -8.96 7.37 -13.85
N THR C 74 -8.17 7.50 -14.89
CA THR C 74 -6.82 8.08 -14.70
C THR C 74 -6.85 9.58 -14.53
N SER C 75 -8.04 10.17 -14.55
CA SER C 75 -8.18 11.63 -14.44
C SER C 75 -8.84 12.10 -13.16
N THR C 76 -9.01 11.18 -12.25
CA THR C 76 -9.61 11.46 -10.93
C THR C 76 -8.57 10.99 -9.93
N PRO C 77 -8.44 11.74 -8.87
CA PRO C 77 -7.44 11.39 -7.85
C PRO C 77 -7.89 10.15 -7.06
N GLY C 78 -6.87 9.38 -6.78
CA GLY C 78 -6.95 8.15 -6.00
C GLY C 78 -6.84 8.65 -4.54
N VAL C 79 -7.51 7.94 -3.65
CA VAL C 79 -7.54 8.31 -2.22
C VAL C 79 -6.83 7.20 -1.44
N TYR C 80 -5.89 7.64 -0.64
CA TYR C 80 -5.03 6.81 0.19
C TYR C 80 -5.17 7.17 1.64
N ALA C 81 -4.87 6.23 2.53
CA ALA C 81 -4.94 6.50 3.98
C ALA C 81 -3.69 7.37 4.24
N ARG C 82 -3.86 8.50 4.88
CA ARG C 82 -2.70 9.41 5.15
C ARG C 82 -1.88 8.83 6.29
N VAL C 83 -0.71 8.28 5.98
CA VAL C 83 0.11 7.66 7.06
C VAL C 83 0.50 8.62 8.17
N THR C 84 0.75 9.90 7.91
CA THR C 84 1.15 10.78 9.04
C THR C 84 0.12 10.84 10.16
N ALA C 85 -1.11 10.81 9.81
CA ALA C 85 -2.30 10.87 10.66
C ALA C 85 -2.49 9.58 11.44
N LEU C 86 -1.83 8.52 10.97
CA LEU C 86 -1.96 7.22 11.60
C LEU C 86 -0.71 6.58 12.14
N VAL C 87 0.43 7.20 11.91
CA VAL C 87 1.69 6.61 12.35
C VAL C 87 1.80 6.52 13.87
N ASN C 88 1.15 7.40 14.58
CA ASN C 88 1.18 7.39 16.06
C ASN C 88 0.53 6.09 16.54
N TRP C 89 -0.60 5.78 15.90
CA TRP C 89 -1.33 4.55 16.24
C TRP C 89 -0.43 3.37 15.92
N VAL C 90 0.21 3.35 14.75
CA VAL C 90 1.09 2.23 14.39
C VAL C 90 2.17 1.96 15.45
N GLN C 91 2.90 3.00 15.79
CA GLN C 91 3.98 2.95 16.77
C GLN C 91 3.50 2.49 18.13
N GLN C 92 2.35 2.95 18.54
CA GLN C 92 1.75 2.57 19.83
C GLN C 92 1.50 1.04 19.81
N THR C 93 0.83 0.62 18.74
CA THR C 93 0.48 -0.77 18.49
C THR C 93 1.67 -1.70 18.50
N LEU C 94 2.77 -1.30 17.84
CA LEU C 94 3.96 -2.17 17.83
C LEU C 94 4.55 -2.20 19.25
N ALA C 95 4.56 -1.02 19.85
CA ALA C 95 5.11 -0.85 21.21
C ALA C 95 4.44 -1.80 22.20
N ALA C 96 3.13 -1.81 22.16
CA ALA C 96 2.32 -2.63 23.06
C ALA C 96 2.22 -4.10 22.68
N ASN C 97 2.74 -4.49 21.54
CA ASN C 97 2.63 -5.89 21.07
C ASN C 97 3.93 -6.47 20.55
N GLY D 1 -15.40 3.67 -5.19
CA GLY D 1 -15.40 2.33 -4.60
C GLY D 1 -14.04 2.00 -3.98
N ALA D 2 -14.06 1.05 -3.09
CA ALA D 2 -12.87 0.55 -2.38
C ALA D 2 -11.97 -0.12 -3.40
N TRP D 3 -10.68 0.16 -3.26
CA TRP D 3 -9.69 -0.43 -4.21
C TRP D 3 -9.23 -1.76 -3.66
S SO4 E . 19.64 -12.67 -0.24
O1 SO4 E . 20.06 -11.52 0.62
O2 SO4 E . 19.15 -13.79 0.62
O3 SO4 E . 18.56 -12.24 -1.19
O4 SO4 E . 20.81 -13.13 -1.07
S SO4 F . -6.43 0.30 19.09
O1 SO4 F . -5.66 1.03 20.17
O2 SO4 F . -5.46 -0.61 18.37
O3 SO4 F . -7.50 -0.57 19.66
O4 SO4 F . -6.99 1.32 18.18
S SO4 G . -6.26 6.93 -20.03
O1 SO4 G . -5.26 7.47 -19.05
O2 SO4 G . -7.53 6.54 -19.32
O3 SO4 G . -6.56 7.97 -21.07
O4 SO4 G . -5.68 5.71 -20.68
S SO4 H . 1.22 -9.67 -16.86
O1 SO4 H . -0.12 -10.10 -16.41
O2 SO4 H . 1.17 -8.37 -17.58
O3 SO4 H . 2.19 -9.58 -15.71
O4 SO4 H . 1.79 -10.70 -17.83
#